data_6OCF
#
_entry.id   6OCF
#
_cell.length_a   100.558
_cell.length_b   100.558
_cell.length_c   206.730
_cell.angle_alpha   90.000
_cell.angle_beta   90.000
_cell.angle_gamma   90.000
#
_symmetry.space_group_name_H-M   'I 41 2 2'
#
loop_
_entity.id
_entity.type
_entity.pdbx_description
1 polymer 'Tubulinyl-Tyr carboxypeptidase 1'
2 polymer 'Small vasohibin-binding protein'
3 non-polymer GLYCEROL
4 non-polymer 'CHLORIDE ION'
5 water water
#
loop_
_entity_poly.entity_id
_entity_poly.type
_entity_poly.pdbx_seq_one_letter_code
_entity_poly.pdbx_strand_id
1 'polypeptide(L)'
;VPFFVNRGGLPVDEATWER(MSE)WKHVAKIHPDGEKVAQRIRGATDLPKIPIPSVPTFQPSTPVPERLEAVQRYIRELQ
YNHTGTQFFEIKKSRPLTGL(MSE)DLAKE(MSE)TKEALPIKCLEAVILGIYLTNS(MSE)PTLERFPISFKTYFSGNY
FRHIVLGVNFAGRYGALG(MSE)SRREDL(MSE)YKPPAFRTLSELVLDFEAAYGRCWHVLKKVKLGQSVSHDPHSVEQI
EWKHSVLDVERLGRDDFRKELERHARD(MSE)RLKI
;
A
2 'polypeptide(L)' RVEKAKQKSAQQELKQRQRAEIYALNRV(MSE)TELEQQQFDEFCKQ(MSE)QPPGE B
#
# COMPACT_ATOMS: atom_id res chain seq x y z
N VAL A 1 13.71 -12.89 -7.50
CA VAL A 1 13.87 -12.06 -8.69
C VAL A 1 12.80 -10.96 -8.73
N PRO A 2 13.25 -9.70 -8.79
CA PRO A 2 12.28 -8.60 -8.89
C PRO A 2 11.50 -8.71 -10.19
N PHE A 3 10.25 -8.24 -10.15
CA PHE A 3 9.46 -8.18 -11.36
C PHE A 3 10.15 -7.30 -12.39
N PHE A 4 10.82 -6.24 -11.93
CA PHE A 4 11.53 -5.34 -12.84
C PHE A 4 13.04 -5.56 -12.75
N VAL A 5 13.49 -6.76 -13.18
CA VAL A 5 14.92 -6.99 -13.40
C VAL A 5 15.37 -6.19 -14.62
N ASN A 6 14.78 -6.47 -15.78
CA ASN A 6 14.74 -5.48 -16.86
C ASN A 6 14.44 -4.13 -16.24
N ARG A 7 15.46 -3.42 -15.77
CA ARG A 7 15.22 -2.18 -15.05
C ARG A 7 14.36 -1.26 -15.91
N GLY A 8 13.94 -0.13 -15.35
CA GLY A 8 12.85 0.58 -15.94
C GLY A 8 11.54 -0.10 -15.54
N GLY A 9 10.57 -0.07 -16.46
CA GLY A 9 9.23 -0.53 -16.14
C GLY A 9 8.72 -1.52 -17.17
N LEU A 10 7.43 -1.41 -17.47
CA LEU A 10 6.82 -2.20 -18.52
C LEU A 10 7.35 -1.75 -19.87
N PRO A 11 7.36 -2.63 -20.88
CA PRO A 11 6.91 -4.03 -20.69
C PRO A 11 8.03 -4.89 -20.12
N VAL A 12 7.65 -5.96 -19.42
CA VAL A 12 8.63 -6.92 -18.92
C VAL A 12 8.89 -7.97 -19.98
N ASP A 13 9.95 -8.75 -19.77
CA ASP A 13 10.31 -9.83 -20.67
C ASP A 13 9.35 -11.00 -20.51
N GLU A 14 9.43 -11.93 -21.46
CA GLU A 14 8.55 -13.09 -21.46
C GLU A 14 8.78 -13.96 -20.24
N ALA A 15 10.04 -14.21 -19.91
CA ALA A 15 10.32 -15.07 -18.75
C ALA A 15 9.56 -14.57 -17.52
N THR A 16 9.64 -13.26 -17.25
CA THR A 16 8.91 -12.68 -16.13
C THR A 16 7.40 -12.77 -16.36
N TRP A 17 6.95 -12.42 -17.55
CA TRP A 17 5.52 -12.47 -17.86
C TRP A 17 4.94 -13.88 -17.66
N GLU A 18 5.61 -14.91 -18.20
CA GLU A 18 5.06 -16.26 -18.03
C GLU A 18 5.03 -16.67 -16.56
N ARG A 19 6.05 -16.25 -15.81
CA ARG A 19 6.12 -16.59 -14.39
C ARG A 19 4.91 -16.05 -13.62
N TRP A 21 1.95 -15.58 -14.89
CA TRP A 21 0.78 -16.38 -15.26
C TRP A 21 0.86 -17.79 -14.69
N LYS A 22 2.04 -18.40 -14.63
CA LYS A 22 2.15 -19.68 -13.94
C LYS A 22 1.74 -19.54 -12.48
N HIS A 23 2.09 -18.42 -11.85
CA HIS A 23 1.68 -18.24 -10.46
C HIS A 23 0.17 -18.10 -10.33
N VAL A 24 -0.46 -17.34 -11.24
CA VAL A 24 -1.92 -17.22 -11.22
C VAL A 24 -2.56 -18.61 -11.21
N ALA A 25 -2.02 -19.53 -12.02
CA ALA A 25 -2.62 -20.85 -12.13
C ALA A 25 -2.52 -21.65 -10.84
N LYS A 26 -1.53 -21.34 -9.98
CA LYS A 26 -1.35 -22.05 -8.71
C LYS A 26 -2.23 -21.52 -7.58
N ILE A 27 -2.66 -20.26 -7.64
CA ILE A 27 -3.39 -19.68 -6.52
C ILE A 27 -4.89 -19.60 -6.76
N HIS A 28 -5.36 -19.75 -7.99
CA HIS A 28 -6.76 -19.68 -8.36
C HIS A 28 -7.20 -21.08 -8.73
N PRO A 29 -8.35 -21.54 -8.25
CA PRO A 29 -8.74 -22.93 -8.56
C PRO A 29 -8.83 -23.16 -10.06
N ASP A 30 -9.52 -22.29 -10.80
N ASP A 30 -9.50 -22.26 -10.79
CA ASP A 30 -9.61 -22.53 -12.24
CA ASP A 30 -9.49 -22.28 -12.25
C ASP A 30 -8.25 -22.38 -12.93
C ASP A 30 -8.29 -21.47 -12.73
N GLY A 31 -7.30 -21.71 -12.26
N GLY A 31 -7.11 -22.01 -12.41
CA GLY A 31 -5.95 -21.52 -12.72
CA GLY A 31 -5.85 -21.35 -12.71
C GLY A 31 -5.86 -20.97 -14.13
C GLY A 31 -5.74 -20.92 -14.15
N GLU A 32 -5.59 -21.87 -15.07
CA GLU A 32 -5.39 -21.50 -16.46
C GLU A 32 -6.64 -20.93 -17.10
N LYS A 33 -7.84 -21.25 -16.59
CA LYS A 33 -9.07 -20.73 -17.20
C LYS A 33 -9.05 -19.21 -17.27
N VAL A 34 -8.86 -18.54 -16.13
CA VAL A 34 -8.83 -17.08 -16.09
C VAL A 34 -7.77 -16.53 -17.04
N ALA A 35 -6.61 -17.16 -17.10
CA ALA A 35 -5.54 -16.65 -17.96
C ALA A 35 -5.90 -16.82 -19.42
N GLN A 36 -6.54 -17.94 -19.76
CA GLN A 36 -6.97 -18.13 -21.14
C GLN A 36 -7.88 -17.00 -21.59
N ARG A 37 -8.82 -16.59 -20.75
CA ARG A 37 -9.79 -15.59 -21.17
C ARG A 37 -9.17 -14.20 -21.27
N ILE A 38 -8.18 -13.90 -20.45
CA ILE A 38 -7.55 -12.59 -20.51
C ILE A 38 -6.48 -12.56 -21.59
N ARG A 39 -5.56 -13.51 -21.55
CA ARG A 39 -4.49 -13.53 -22.54
C ARG A 39 -5.04 -13.76 -23.93
N GLY A 40 -6.22 -14.38 -24.04
CA GLY A 40 -6.84 -14.69 -25.30
C GLY A 40 -7.78 -13.64 -25.83
N ALA A 41 -8.13 -12.65 -25.02
CA ALA A 41 -9.03 -11.60 -25.48
C ALA A 41 -8.32 -10.74 -26.52
N THR A 42 -9.05 -10.36 -27.56
CA THR A 42 -8.44 -9.45 -28.52
C THR A 42 -8.70 -7.99 -28.18
N ASP A 43 -9.65 -7.68 -27.29
CA ASP A 43 -9.67 -6.36 -26.69
C ASP A 43 -10.04 -6.45 -25.21
N LEU A 44 -9.46 -5.53 -24.44
CA LEU A 44 -9.55 -5.49 -23.00
C LEU A 44 -9.86 -4.07 -22.59
N PRO A 45 -10.68 -3.87 -21.55
CA PRO A 45 -11.02 -2.50 -21.15
C PRO A 45 -9.78 -1.62 -21.10
N LYS A 46 -9.93 -0.36 -21.48
CA LYS A 46 -8.84 0.59 -21.32
C LYS A 46 -8.88 1.14 -19.90
N ILE A 47 -7.74 1.10 -19.22
CA ILE A 47 -7.63 1.56 -17.84
C ILE A 47 -6.96 2.93 -17.87
N PRO A 48 -7.69 4.02 -17.56
CA PRO A 48 -7.06 5.34 -17.57
C PRO A 48 -5.83 5.36 -16.67
N ILE A 49 -4.89 6.25 -16.99
CA ILE A 49 -3.76 6.49 -16.10
C ILE A 49 -4.21 7.47 -15.02
N PRO A 50 -4.19 7.08 -13.75
CA PRO A 50 -4.56 8.03 -12.70
C PRO A 50 -3.59 9.20 -12.70
N SER A 51 -4.14 10.40 -12.64
CA SER A 51 -3.32 11.61 -12.66
C SER A 51 -3.02 12.06 -11.23
N VAL A 52 -1.74 12.25 -10.94
CA VAL A 52 -1.32 12.74 -9.63
C VAL A 52 -2.07 14.03 -9.34
N PRO A 53 -2.54 14.23 -8.11
CA PRO A 53 -3.38 15.41 -7.83
C PRO A 53 -2.57 16.70 -7.79
N THR A 54 -3.19 17.78 -8.28
CA THR A 54 -2.67 19.13 -8.23
C THR A 54 -3.55 20.00 -7.32
N PHE A 55 -2.94 20.98 -6.65
CA PHE A 55 -3.64 21.78 -5.65
C PHE A 55 -3.47 23.28 -5.88
N GLN A 56 -4.48 24.04 -5.46
CA GLN A 56 -4.31 25.48 -5.30
C GLN A 56 -3.37 25.74 -4.11
N PRO A 57 -2.55 26.79 -4.18
CA PRO A 57 -1.69 27.11 -3.03
C PRO A 57 -2.43 27.24 -1.71
N SER A 58 -3.72 27.54 -1.78
CA SER A 58 -4.52 27.77 -0.58
C SER A 58 -5.22 26.52 -0.08
N THR A 59 -5.28 25.46 -0.89
N THR A 59 -5.28 25.46 -0.88
CA THR A 59 -6.02 24.27 -0.51
CA THR A 59 -5.99 24.23 -0.53
C THR A 59 -5.49 23.72 0.81
C THR A 59 -5.48 23.69 0.81
N PRO A 60 -6.36 23.50 1.80
CA PRO A 60 -5.87 23.05 3.11
C PRO A 60 -5.38 21.62 3.07
N VAL A 61 -4.47 21.31 4.00
CA VAL A 61 -3.85 19.99 4.01
C VAL A 61 -4.90 18.87 4.10
N PRO A 62 -5.91 18.95 4.97
CA PRO A 62 -6.90 17.86 5.01
C PRO A 62 -7.55 17.59 3.65
N GLU A 63 -7.73 18.62 2.81
CA GLU A 63 -8.19 18.37 1.45
C GLU A 63 -7.10 17.68 0.62
N ARG A 64 -5.85 18.14 0.72
CA ARG A 64 -4.77 17.49 -0.01
C ARG A 64 -4.69 16.01 0.35
N LEU A 65 -4.80 15.68 1.65
CA LEU A 65 -4.75 14.28 2.07
C LEU A 65 -5.88 13.46 1.46
N GLU A 66 -7.10 13.99 1.44
CA GLU A 66 -8.19 13.22 0.84
C GLU A 66 -7.83 12.83 -0.59
N ALA A 67 -7.26 13.77 -1.34
CA ALA A 67 -6.97 13.55 -2.76
C ALA A 67 -5.76 12.68 -2.96
N VAL A 68 -4.77 12.75 -2.06
CA VAL A 68 -3.63 11.84 -2.13
C VAL A 68 -4.10 10.40 -1.91
N GLN A 69 -5.00 10.18 -0.94
CA GLN A 69 -5.55 8.86 -0.69
C GLN A 69 -6.45 8.42 -1.84
N ARG A 70 -7.28 9.32 -2.37
CA ARG A 70 -8.09 8.97 -3.53
C ARG A 70 -7.20 8.56 -4.72
N TYR A 71 -6.07 9.23 -4.91
CA TYR A 71 -5.16 8.81 -5.96
C TYR A 71 -4.60 7.40 -5.67
N ILE A 72 -4.16 7.15 -4.44
CA ILE A 72 -3.58 5.87 -4.11
C ILE A 72 -4.62 4.75 -4.31
N ARG A 73 -5.88 5.02 -3.95
N ARG A 73 -5.88 5.04 -3.99
CA ARG A 73 -6.95 4.05 -4.18
CA ARG A 73 -6.95 4.06 -4.17
C ARG A 73 -7.08 3.71 -5.66
C ARG A 73 -7.19 3.74 -5.63
N GLU A 74 -7.01 4.73 -6.53
CA GLU A 74 -7.30 4.50 -7.94
C GLU A 74 -6.37 3.47 -8.57
N LEU A 75 -5.10 3.40 -8.12
CA LEU A 75 -4.21 2.36 -8.62
C LEU A 75 -4.74 0.96 -8.31
N GLN A 76 -5.59 0.83 -7.29
CA GLN A 76 -6.22 -0.44 -6.92
C GLN A 76 -5.30 -1.29 -6.07
N TYR A 77 -5.89 -2.01 -5.11
CA TYR A 77 -5.14 -2.99 -4.35
C TYR A 77 -4.73 -4.14 -5.28
N ASN A 78 -3.52 -4.67 -5.06
CA ASN A 78 -2.95 -5.68 -5.96
C ASN A 78 -3.39 -7.07 -5.52
N HIS A 79 -4.37 -7.64 -6.24
CA HIS A 79 -4.85 -8.99 -6.00
C HIS A 79 -4.20 -10.02 -6.90
N THR A 80 -3.20 -9.64 -7.69
CA THR A 80 -2.75 -10.55 -8.74
C THR A 80 -1.84 -11.66 -8.24
N GLY A 81 -1.33 -11.56 -7.00
CA GLY A 81 -0.34 -12.50 -6.52
C GLY A 81 1.09 -12.21 -6.93
N THR A 82 1.34 -11.16 -7.71
CA THR A 82 2.68 -10.80 -8.17
C THR A 82 2.98 -9.37 -7.73
N GLN A 83 4.09 -9.21 -7.02
CA GLN A 83 4.50 -7.88 -6.54
C GLN A 83 5.27 -7.17 -7.64
N PHE A 84 4.77 -6.01 -8.07
CA PHE A 84 5.31 -5.39 -9.27
C PHE A 84 6.57 -4.55 -8.99
N PHE A 85 6.62 -3.84 -7.87
CA PHE A 85 7.74 -2.98 -7.54
C PHE A 85 8.51 -3.58 -6.37
N GLU A 86 9.82 -3.73 -6.51
CA GLU A 86 10.66 -4.14 -5.39
C GLU A 86 10.96 -2.92 -4.54
N ILE A 87 10.77 -3.04 -3.23
CA ILE A 87 10.99 -1.94 -2.31
C ILE A 87 11.92 -2.41 -1.20
N LYS A 88 13.13 -1.86 -1.18
CA LYS A 88 14.14 -2.24 -0.20
C LYS A 88 14.05 -1.21 0.92
N LYS A 89 13.63 -1.66 2.11
CA LYS A 89 13.32 -0.72 3.20
C LYS A 89 14.55 -0.06 3.77
N SER A 90 15.70 -0.75 3.77
CA SER A 90 16.95 -0.09 4.12
C SER A 90 17.54 0.44 2.83
N ARG A 91 17.08 1.61 2.43
CA ARG A 91 17.50 2.19 1.17
C ARG A 91 17.38 3.70 1.30
N PRO A 92 18.35 4.47 0.80
CA PRO A 92 18.27 5.93 0.95
C PRO A 92 16.94 6.46 0.45
N LEU A 93 16.41 7.46 1.16
CA LEU A 93 15.12 8.04 0.81
C LEU A 93 15.04 8.41 -0.66
N THR A 94 16.01 9.18 -1.15
CA THR A 94 15.93 9.67 -2.53
C THR A 94 15.80 8.51 -3.52
N GLY A 95 16.39 7.37 -3.21
CA GLY A 95 16.20 6.19 -4.05
C GLY A 95 14.80 5.61 -3.94
N LEU A 96 14.17 5.74 -2.77
CA LEU A 96 12.77 5.34 -2.63
C LEU A 96 11.84 6.35 -3.31
N ASP A 98 12.63 7.99 -6.14
CA ASP A 98 12.69 7.61 -7.55
C ASP A 98 11.71 6.49 -7.84
N LEU A 99 11.70 5.47 -6.99
CA LEU A 99 10.76 4.36 -7.14
C LEU A 99 9.33 4.86 -7.18
N ALA A 100 8.97 5.75 -6.24
CA ALA A 100 7.61 6.29 -6.18
C ALA A 100 7.21 6.98 -7.48
N LYS A 101 8.13 7.77 -8.03
CA LYS A 101 7.88 8.43 -9.31
C LYS A 101 7.54 7.41 -10.39
N GLU A 102 8.28 6.31 -10.42
CA GLU A 102 8.04 5.29 -11.42
C GLU A 102 6.69 4.62 -11.20
N THR A 104 4.10 6.05 -10.14
CA THR A 104 3.10 6.96 -10.66
C THR A 104 3.03 6.88 -12.17
N LYS A 105 4.15 6.52 -12.81
CA LYS A 105 4.23 6.47 -14.27
C LYS A 105 3.73 5.13 -14.80
N GLU A 106 4.13 4.03 -14.15
CA GLU A 106 3.70 2.70 -14.59
C GLU A 106 2.26 2.42 -14.20
N ALA A 107 1.79 2.95 -13.07
CA ALA A 107 0.37 2.92 -12.71
C ALA A 107 -0.17 1.47 -12.64
N LEU A 108 0.47 0.68 -11.79
CA LEU A 108 0.04 -0.70 -11.55
C LEU A 108 -0.48 -0.88 -10.13
N PRO A 109 -1.26 -1.95 -9.87
CA PRO A 109 -1.81 -2.14 -8.52
C PRO A 109 -0.71 -2.28 -7.47
N ILE A 110 -1.07 -1.96 -6.23
CA ILE A 110 -0.10 -1.79 -5.15
C ILE A 110 -0.65 -2.40 -3.86
N LYS A 111 0.26 -2.63 -2.92
CA LYS A 111 -0.07 -3.13 -1.59
C LYS A 111 0.32 -2.09 -0.54
N CYS A 112 0.33 -2.48 0.75
CA CYS A 112 0.48 -1.49 1.81
C CYS A 112 1.82 -0.74 1.72
N LEU A 113 2.93 -1.47 1.51
CA LEU A 113 4.25 -0.81 1.55
C LEU A 113 4.43 0.18 0.40
N GLU A 114 4.05 -0.20 -0.82
CA GLU A 114 4.04 0.74 -1.92
C GLU A 114 3.25 1.99 -1.57
N ALA A 115 2.10 1.82 -0.92
CA ALA A 115 1.25 2.96 -0.60
C ALA A 115 1.94 3.90 0.37
N VAL A 116 2.73 3.34 1.28
CA VAL A 116 3.46 4.15 2.24
C VAL A 116 4.52 4.98 1.51
N ILE A 117 5.29 4.34 0.62
CA ILE A 117 6.28 5.06 -0.16
C ILE A 117 5.62 6.15 -0.99
N LEU A 118 4.51 5.80 -1.66
N LEU A 118 4.53 5.79 -1.69
CA LEU A 118 3.78 6.79 -2.44
CA LEU A 118 3.78 6.80 -2.44
C LEU A 118 3.24 7.90 -1.55
C LEU A 118 3.30 7.92 -1.53
N GLY A 119 2.82 7.55 -0.34
CA GLY A 119 2.30 8.57 0.57
C GLY A 119 3.35 9.60 0.93
N ILE A 120 4.55 9.13 1.28
CA ILE A 120 5.66 10.04 1.57
C ILE A 120 5.96 10.91 0.37
N TYR A 121 6.05 10.29 -0.81
CA TYR A 121 6.40 11.02 -2.03
C TYR A 121 5.40 12.12 -2.35
N LEU A 122 4.11 11.89 -2.11
CA LEU A 122 3.06 12.83 -2.49
C LEU A 122 2.76 13.87 -1.41
N THR A 123 3.44 13.79 -0.27
CA THR A 123 3.27 14.76 0.80
C THR A 123 4.57 15.40 1.24
N ASN A 124 5.65 15.19 0.49
CA ASN A 124 6.90 15.87 0.80
C ASN A 124 6.74 17.38 0.64
N SER A 125 5.83 17.82 -0.24
CA SER A 125 5.52 19.20 -0.53
C SER A 125 4.62 19.87 0.53
N PRO A 127 4.97 21.00 4.12
CA PRO A 127 5.88 21.14 5.28
C PRO A 127 5.16 21.15 6.62
N THR A 128 3.88 21.47 6.68
CA THR A 128 3.18 21.41 7.95
C THR A 128 2.59 20.03 8.24
N LEU A 129 2.83 19.05 7.36
CA LEU A 129 2.40 17.67 7.57
C LEU A 129 3.59 16.84 8.02
N GLU A 130 3.48 16.22 9.18
CA GLU A 130 4.41 15.23 9.68
C GLU A 130 3.98 13.84 9.18
N ARG A 131 4.94 13.03 8.70
CA ARG A 131 4.67 11.67 8.23
C ARG A 131 5.58 10.68 8.96
N PHE A 132 5.02 9.53 9.35
CA PHE A 132 5.82 8.50 10.03
C PHE A 132 5.19 7.12 9.86
N PRO A 133 5.97 6.09 9.56
CA PRO A 133 5.40 4.76 9.32
C PRO A 133 4.92 4.13 10.62
N ILE A 134 3.81 3.38 10.50
CA ILE A 134 3.31 2.55 11.58
C ILE A 134 3.17 1.14 11.03
N SER A 135 3.82 0.19 11.66
CA SER A 135 3.78 -1.20 11.25
C SER A 135 3.08 -2.00 12.32
N PHE A 136 2.30 -2.98 11.90
CA PHE A 136 1.58 -3.88 12.79
C PHE A 136 2.03 -5.29 12.47
N LYS A 137 2.19 -6.11 13.50
CA LYS A 137 2.38 -7.55 13.36
C LYS A 137 1.27 -8.21 14.14
N THR A 138 0.49 -9.04 13.47
CA THR A 138 -0.66 -9.70 14.08
C THR A 138 -0.58 -11.21 13.87
N TYR A 139 -1.46 -11.92 14.54
CA TYR A 139 -1.54 -13.35 14.42
C TYR A 139 -2.99 -13.69 14.10
N PHE A 140 -3.21 -14.65 13.19
CA PHE A 140 -4.62 -14.95 12.90
C PHE A 140 -4.99 -16.44 13.02
N SER A 141 -4.35 -17.30 12.23
CA SER A 141 -4.52 -18.75 12.46
C SER A 141 -3.24 -19.42 11.97
N GLY A 142 -2.35 -19.71 12.89
CA GLY A 142 -1.13 -20.33 12.48
C GLY A 142 -0.23 -19.49 11.62
N ASN A 143 -0.52 -18.19 11.49
CA ASN A 143 0.41 -17.35 10.74
C ASN A 143 0.48 -15.97 11.36
N TYR A 144 1.61 -15.31 11.13
CA TYR A 144 1.85 -13.93 11.52
C TYR A 144 1.77 -13.08 10.26
N PHE A 145 1.12 -11.92 10.38
CA PHE A 145 0.95 -11.02 9.25
C PHE A 145 1.55 -9.67 9.58
N ARG A 146 1.95 -8.93 8.55
CA ARG A 146 2.57 -7.63 8.72
C ARG A 146 1.85 -6.63 7.81
N HIS A 147 1.56 -5.45 8.34
CA HIS A 147 0.83 -4.42 7.63
C HIS A 147 1.49 -3.12 8.01
N ILE A 148 1.46 -2.14 7.10
CA ILE A 148 2.09 -0.87 7.38
C ILE A 148 1.25 0.22 6.74
N VAL A 149 1.17 1.36 7.44
CA VAL A 149 0.48 2.54 6.94
C VAL A 149 1.38 3.74 7.20
N LEU A 150 1.02 4.86 6.59
CA LEU A 150 1.74 6.12 6.80
C LEU A 150 0.94 6.96 7.78
N GLY A 151 1.33 6.91 9.05
CA GLY A 151 0.76 7.82 10.02
C GLY A 151 1.14 9.24 9.65
N VAL A 152 0.18 10.15 9.82
CA VAL A 152 0.44 11.56 9.56
C VAL A 152 -0.08 12.38 10.74
N ASN A 153 0.46 13.59 10.87
CA ASN A 153 0.03 14.51 11.90
C ASN A 153 -0.12 15.88 11.29
N PHE A 154 -1.30 16.47 11.42
CA PHE A 154 -1.54 17.82 10.93
C PHE A 154 -2.22 18.63 12.01
N ALA A 155 -1.65 19.80 12.33
CA ALA A 155 -2.23 20.74 13.29
C ALA A 155 -2.62 20.03 14.57
N GLY A 156 -1.68 19.23 15.10
CA GLY A 156 -1.87 18.48 16.33
C GLY A 156 -2.82 17.31 16.28
N ARG A 157 -3.36 16.95 15.11
CA ARG A 157 -4.22 15.78 14.95
C ARG A 157 -3.53 14.73 14.11
N TYR A 158 -3.84 13.47 14.40
CA TYR A 158 -3.25 12.32 13.73
C TYR A 158 -4.24 11.70 12.75
N GLY A 159 -3.70 11.13 11.67
CA GLY A 159 -4.46 10.36 10.71
C GLY A 159 -3.53 9.37 10.05
N ALA A 160 -3.90 8.89 8.85
CA ALA A 160 -3.10 7.89 8.18
C ALA A 160 -3.46 7.83 6.70
N LEU A 161 -2.47 7.45 5.91
CA LEU A 161 -2.62 7.04 4.52
C LEU A 161 -2.17 5.60 4.43
N GLY A 162 -2.77 4.84 3.52
CA GLY A 162 -2.33 3.48 3.31
C GLY A 162 -3.20 2.77 2.31
N SER A 164 -5.16 -1.27 1.92
CA SER A 164 -5.50 -2.57 2.48
C SER A 164 -6.73 -3.10 1.76
N ARG A 165 -6.99 -4.40 1.90
CA ARG A 165 -8.28 -4.93 1.47
C ARG A 165 -9.42 -4.39 2.30
N ARG A 166 -9.15 -3.98 3.55
CA ARG A 166 -10.19 -3.51 4.46
C ARG A 166 -10.17 -1.99 4.53
N GLU A 167 -11.37 -1.39 4.44
CA GLU A 167 -11.49 0.07 4.53
C GLU A 167 -11.00 0.63 5.85
N ASP A 168 -10.98 -0.16 6.93
CA ASP A 168 -10.65 0.38 8.24
C ASP A 168 -9.20 0.09 8.63
N LEU A 169 -8.38 -0.43 7.71
CA LEU A 169 -6.94 -0.59 7.92
C LEU A 169 -6.11 0.33 7.02
N TYR A 171 -6.83 4.49 5.21
CA TYR A 171 -7.05 5.91 5.40
C TYR A 171 -7.67 6.22 6.76
N LYS A 172 -7.15 7.25 7.44
CA LYS A 172 -7.84 7.86 8.61
C LYS A 172 -7.72 9.38 8.43
N PRO A 173 -8.82 10.11 8.50
CA PRO A 173 -8.76 11.58 8.56
C PRO A 173 -7.82 12.07 9.65
N PRO A 174 -7.16 13.21 9.45
CA PRO A 174 -6.40 13.79 10.58
C PRO A 174 -7.32 14.39 11.63
N ALA A 175 -7.97 13.55 12.44
CA ALA A 175 -8.92 13.99 13.46
C ALA A 175 -8.65 13.42 14.84
N PHE A 176 -7.76 12.45 14.96
CA PHE A 176 -7.52 11.82 16.25
C PHE A 176 -6.68 12.73 17.14
N ARG A 177 -7.20 12.97 18.34
CA ARG A 177 -6.53 13.89 19.26
C ARG A 177 -5.16 13.36 19.70
N THR A 178 -4.95 12.04 19.68
CA THR A 178 -3.73 11.46 20.23
C THR A 178 -3.27 10.28 19.36
N LEU A 179 -1.98 9.98 19.46
CA LEU A 179 -1.46 8.84 18.71
C LEU A 179 -2.06 7.53 19.22
N SER A 180 -2.29 7.43 20.54
CA SER A 180 -2.92 6.22 21.09
CA SER A 180 -2.90 6.21 21.07
C SER A 180 -4.28 5.97 20.46
N GLU A 181 -5.02 7.03 20.14
CA GLU A 181 -6.34 6.82 19.58
C GLU A 181 -6.29 6.38 18.13
N LEU A 182 -5.39 6.99 17.34
CA LEU A 182 -5.13 6.50 15.99
C LEU A 182 -4.81 5.02 16.01
N VAL A 183 -3.79 4.64 16.78
CA VAL A 183 -3.40 3.23 16.84
C VAL A 183 -4.55 2.38 17.35
N LEU A 184 -5.34 2.90 18.29
CA LEU A 184 -6.48 2.14 18.81
C LEU A 184 -7.51 1.89 17.74
N ASP A 185 -7.71 2.85 16.84
CA ASP A 185 -8.64 2.62 15.73
C ASP A 185 -8.19 1.45 14.86
N PHE A 186 -6.87 1.26 14.70
CA PHE A 186 -6.39 0.08 13.98
C PHE A 186 -6.54 -1.18 14.82
N GLU A 187 -6.35 -1.08 16.14
CA GLU A 187 -6.59 -2.25 16.99
C GLU A 187 -8.03 -2.71 16.89
N ALA A 188 -8.97 -1.74 16.82
CA ALA A 188 -10.38 -2.13 16.70
C ALA A 188 -10.60 -2.88 15.40
N ALA A 189 -10.07 -2.34 14.31
CA ALA A 189 -10.19 -3.01 13.02
C ALA A 189 -9.65 -4.43 13.09
N TYR A 190 -8.46 -4.63 13.69
CA TYR A 190 -7.91 -5.97 13.78
C TYR A 190 -8.75 -6.84 14.69
N GLY A 191 -9.32 -6.28 15.76
CA GLY A 191 -10.27 -7.04 16.55
C GLY A 191 -11.41 -7.57 15.70
N ARG A 192 -12.01 -6.69 14.89
CA ARG A 192 -13.13 -7.09 14.04
C ARG A 192 -12.81 -8.30 13.18
N CYS A 193 -11.59 -8.39 12.63
CA CYS A 193 -11.30 -9.50 11.73
C CYS A 193 -10.50 -10.61 12.42
N TRP A 194 -10.45 -10.60 13.75
CA TRP A 194 -10.07 -11.74 14.54
C TRP A 194 -8.56 -11.90 14.63
N HIS A 195 -7.80 -10.88 14.21
CA HIS A 195 -6.36 -10.91 14.35
C HIS A 195 -5.99 -10.55 15.77
N VAL A 196 -4.94 -11.18 16.29
CA VAL A 196 -4.35 -10.82 17.58
C VAL A 196 -3.16 -9.92 17.29
N LEU A 197 -3.20 -8.69 17.82
CA LEU A 197 -2.11 -7.74 17.63
C LEU A 197 -0.91 -8.10 18.50
N LYS A 198 0.25 -8.29 17.87
CA LYS A 198 1.47 -8.68 18.58
C LYS A 198 2.46 -7.53 18.76
N LYS A 199 2.68 -6.71 17.73
CA LYS A 199 3.65 -5.65 17.81
C LYS A 199 3.19 -4.45 16.98
N VAL A 200 3.56 -3.28 17.46
CA VAL A 200 3.45 -2.04 16.70
C VAL A 200 4.85 -1.47 16.63
N LYS A 201 5.29 -1.12 15.43
CA LYS A 201 6.57 -0.47 15.23
C LYS A 201 6.30 0.91 14.67
N LEU A 202 6.78 1.93 15.38
N LEU A 202 6.74 1.92 15.41
CA LEU A 202 6.61 3.31 14.96
CA LEU A 202 6.64 3.31 14.99
C LEU A 202 7.97 3.88 14.60
C LEU A 202 8.01 3.80 14.55
N GLY A 203 8.05 4.49 13.43
CA GLY A 203 9.27 5.10 12.96
C GLY A 203 9.30 6.58 13.30
N GLN A 204 10.45 7.20 13.03
CA GLN A 204 10.58 8.64 13.21
C GLN A 204 9.86 9.37 12.07
N SER A 205 9.50 10.63 12.32
CA SER A 205 9.02 11.48 11.23
C SER A 205 9.99 11.41 10.06
N VAL A 206 9.45 11.44 8.85
CA VAL A 206 10.25 11.24 7.63
C VAL A 206 10.63 12.60 7.08
N SER A 207 11.89 12.75 6.68
CA SER A 207 12.33 14.04 6.14
C SER A 207 11.52 14.38 4.91
N HIS A 208 11.16 15.66 4.76
CA HIS A 208 10.51 16.13 3.54
C HIS A 208 11.50 16.34 2.39
N ASP A 209 12.78 16.09 2.62
CA ASP A 209 13.73 16.38 1.56
C ASP A 209 13.72 15.24 0.55
N PRO A 210 13.08 15.41 -0.61
CA PRO A 210 13.02 14.30 -1.58
C PRO A 210 14.40 13.75 -1.92
N HIS A 211 15.46 14.52 -1.69
CA HIS A 211 16.81 14.10 -2.03
C HIS A 211 17.60 13.59 -0.82
N SER A 212 16.97 13.46 0.34
CA SER A 212 17.67 12.95 1.50
C SER A 212 18.27 11.57 1.22
N VAL A 213 19.45 11.32 1.79
CA VAL A 213 20.09 10.01 1.67
C VAL A 213 19.98 9.20 2.95
N GLU A 214 19.41 9.78 4.01
CA GLU A 214 19.12 9.00 5.19
C GLU A 214 18.03 7.97 4.86
N GLN A 215 18.16 6.79 5.44
CA GLN A 215 17.14 5.79 5.25
C GLN A 215 16.05 5.96 6.29
N ILE A 216 14.87 5.41 5.98
CA ILE A 216 13.76 5.55 6.90
C ILE A 216 14.05 4.74 8.14
N GLU A 217 13.72 5.30 9.30
CA GLU A 217 13.91 4.64 10.59
C GLU A 217 12.60 3.94 10.97
N TRP A 218 12.47 2.68 10.54
CA TRP A 218 11.17 2.01 10.61
C TRP A 218 10.78 1.59 12.03
N LYS A 219 11.75 1.39 12.93
CA LYS A 219 11.44 0.88 14.26
C LYS A 219 12.15 1.71 15.33
N HIS A 220 11.94 3.03 15.31
CA HIS A 220 12.40 3.82 16.44
C HIS A 220 11.77 3.32 17.73
N SER A 221 10.48 3.03 17.70
CA SER A 221 9.82 2.38 18.82
C SER A 221 9.23 1.06 18.38
N VAL A 222 9.42 0.05 19.22
CA VAL A 222 8.84 -1.27 19.04
C VAL A 222 8.07 -1.57 20.32
N LEU A 223 6.78 -1.81 20.20
CA LEU A 223 5.92 -2.07 21.34
C LEU A 223 5.46 -3.52 21.26
N ASP A 224 5.92 -4.34 22.21
CA ASP A 224 5.46 -5.72 22.33
C ASP A 224 4.15 -5.72 23.12
N VAL A 225 3.06 -5.95 22.41
CA VAL A 225 1.74 -5.67 22.96
C VAL A 225 1.39 -6.62 24.10
N GLU A 226 1.77 -7.90 23.98
CA GLU A 226 1.46 -8.84 25.06
C GLU A 226 2.25 -8.51 26.33
N ARG A 227 3.54 -8.19 26.19
CA ARG A 227 4.39 -7.98 27.36
C ARG A 227 4.21 -6.61 27.99
N LEU A 228 3.73 -5.62 27.25
CA LEU A 228 3.42 -4.32 27.85
C LEU A 228 2.03 -4.35 28.46
N GLY A 229 1.88 -3.64 29.57
CA GLY A 229 0.55 -3.37 30.06
C GLY A 229 -0.22 -2.49 29.09
N ARG A 230 -1.55 -2.62 29.12
CA ARG A 230 -2.37 -1.69 28.36
C ARG A 230 -2.02 -0.25 28.72
N ASP A 231 -1.70 0.01 29.99
CA ASP A 231 -1.37 1.37 30.41
C ASP A 231 0.06 1.75 30.04
N ASP A 232 1.00 0.82 30.20
CA ASP A 232 2.36 1.08 29.71
C ASP A 232 2.38 1.15 28.18
N PHE A 233 1.50 0.39 27.53
CA PHE A 233 1.39 0.50 26.07
C PHE A 233 1.02 1.93 25.68
N ARG A 234 -0.01 2.49 26.32
CA ARG A 234 -0.43 3.85 26.02
CA ARG A 234 -0.42 3.86 25.99
C ARG A 234 0.65 4.87 26.37
N LYS A 235 1.38 4.63 27.47
CA LYS A 235 2.44 5.54 27.85
C LYS A 235 3.62 5.47 26.87
N GLU A 236 3.83 4.30 26.25
CA GLU A 236 4.90 4.17 25.27
C GLU A 236 4.57 4.95 24.00
N LEU A 237 3.31 4.86 23.55
CA LEU A 237 2.90 5.62 22.37
C LEU A 237 3.03 7.12 22.61
N GLU A 238 2.66 7.58 23.82
CA GLU A 238 2.76 9.00 24.11
C GLU A 238 4.22 9.41 24.26
N ARG A 239 5.08 8.53 24.75
CA ARG A 239 6.50 8.85 24.73
C ARG A 239 7.00 9.01 23.30
N HIS A 240 6.61 8.09 22.41
CA HIS A 240 7.09 8.20 21.03
C HIS A 240 6.54 9.47 20.36
N ALA A 241 5.27 9.79 20.62
CA ALA A 241 4.71 11.01 20.04
C ALA A 241 5.41 12.25 20.57
N ARG A 242 5.89 12.23 21.82
CA ARG A 242 6.67 13.36 22.31
CA ARG A 242 6.67 13.36 22.32
C ARG A 242 8.04 13.41 21.64
N ASP A 243 8.76 12.29 21.65
CA ASP A 243 10.04 12.21 20.93
C ASP A 243 9.94 12.78 19.52
N ARG A 245 7.58 15.06 18.54
CA ARG A 245 7.25 16.47 18.65
C ARG A 245 8.49 17.33 18.91
N LEU A 246 9.58 16.71 19.35
CA LEU A 246 10.80 17.44 19.69
C LEU A 246 11.73 17.57 18.49
N LYS A 247 12.03 16.47 17.81
N LYS A 247 12.03 16.47 17.81
CA LYS A 247 12.86 16.55 16.60
CA LYS A 247 12.86 16.55 16.60
C LYS A 247 12.17 17.39 15.54
C LYS A 247 12.17 17.41 15.54
N ILE A 248 10.96 17.86 15.84
CA ILE A 248 10.16 18.70 14.93
C ILE A 248 10.11 18.11 13.52
N ARG B 1 18.74 5.14 -37.64
CA ARG B 1 17.58 5.21 -38.51
C ARG B 1 16.31 5.48 -37.70
N VAL B 2 15.15 5.24 -38.30
CA VAL B 2 13.87 5.44 -37.64
C VAL B 2 13.37 4.09 -37.13
N GLU B 3 14.31 3.17 -36.87
CA GLU B 3 13.97 1.95 -36.15
C GLU B 3 13.56 2.28 -34.71
N LYS B 4 14.22 3.27 -34.11
CA LYS B 4 13.90 3.65 -32.73
C LYS B 4 12.48 4.19 -32.61
N ALA B 5 11.95 4.81 -33.66
CA ALA B 5 10.57 5.30 -33.60
C ALA B 5 9.56 4.15 -33.62
N LYS B 6 9.78 3.16 -34.49
CA LYS B 6 8.89 2.00 -34.54
C LYS B 6 9.09 1.11 -33.32
N GLN B 7 10.32 1.01 -32.82
CA GLN B 7 10.59 0.22 -31.62
C GLN B 7 9.97 0.86 -30.39
N LYS B 8 9.88 2.19 -30.34
CA LYS B 8 9.26 2.87 -29.21
C LYS B 8 7.73 2.73 -29.27
N SER B 9 7.15 2.82 -30.47
CA SER B 9 5.73 2.58 -30.61
C SER B 9 5.40 1.14 -30.22
N ALA B 10 6.23 0.19 -30.66
CA ALA B 10 6.04 -1.20 -30.28
C ALA B 10 6.08 -1.36 -28.76
N GLN B 11 7.08 -0.74 -28.11
CA GLN B 11 7.20 -0.84 -26.66
C GLN B 11 5.98 -0.26 -25.97
N GLN B 12 5.47 0.87 -26.46
CA GLN B 12 4.31 1.49 -25.84
C GLN B 12 3.06 0.63 -25.98
N GLU B 13 2.82 0.04 -27.16
CA GLU B 13 1.64 -0.79 -27.34
C GLU B 13 1.68 -2.03 -26.44
N LEU B 14 2.87 -2.64 -26.30
CA LEU B 14 2.96 -3.83 -25.48
C LEU B 14 2.86 -3.48 -24.00
N LYS B 15 3.45 -2.34 -23.61
CA LYS B 15 3.23 -1.81 -22.28
C LYS B 15 1.73 -1.67 -22.00
N GLN B 16 0.98 -1.08 -22.94
CA GLN B 16 -0.44 -0.88 -22.72
C GLN B 16 -1.18 -2.20 -22.62
N ARG B 17 -0.80 -3.19 -23.45
CA ARG B 17 -1.45 -4.49 -23.39
C ARG B 17 -1.14 -5.19 -22.06
N GLN B 18 0.13 -5.20 -21.66
CA GLN B 18 0.50 -5.86 -20.41
C GLN B 18 -0.21 -5.24 -19.22
N ARG B 19 -0.32 -3.90 -19.19
CA ARG B 19 -1.04 -3.23 -18.11
C ARG B 19 -2.52 -3.55 -18.16
N ALA B 20 -3.11 -3.65 -19.35
CA ALA B 20 -4.54 -3.98 -19.44
C ALA B 20 -4.81 -5.41 -18.98
N GLU B 21 -3.89 -6.33 -19.27
CA GLU B 21 -4.05 -7.69 -18.78
C GLU B 21 -3.90 -7.73 -17.27
N ILE B 22 -2.94 -6.98 -16.72
CA ILE B 22 -2.75 -6.96 -15.27
C ILE B 22 -4.02 -6.50 -14.58
N TYR B 23 -4.64 -5.43 -15.10
CA TYR B 23 -5.87 -4.94 -14.49
C TYR B 23 -7.06 -5.85 -14.75
N ALA B 24 -7.11 -6.53 -15.89
CA ALA B 24 -8.15 -7.54 -16.07
C ALA B 24 -7.97 -8.70 -15.10
N LEU B 25 -6.71 -9.06 -14.84
CA LEU B 25 -6.42 -10.09 -13.85
C LEU B 25 -6.78 -9.62 -12.45
N ASN B 26 -6.42 -8.39 -12.12
CA ASN B 26 -6.78 -7.84 -10.82
C ASN B 26 -8.28 -7.92 -10.58
N ARG B 27 -9.11 -7.57 -11.58
CA ARG B 27 -10.55 -7.61 -11.37
C ARG B 27 -11.03 -9.05 -11.12
N VAL B 28 -10.54 -10.00 -11.91
CA VAL B 28 -10.94 -11.40 -11.77
C VAL B 28 -10.54 -11.96 -10.42
N THR B 30 -10.15 -10.30 -7.74
CA THR B 30 -11.00 -9.70 -6.72
C THR B 30 -12.34 -10.41 -6.63
N GLU B 31 -12.88 -10.81 -7.78
CA GLU B 31 -14.17 -11.48 -7.78
C GLU B 31 -14.06 -12.88 -7.20
N LEU B 32 -12.97 -13.61 -7.53
CA LEU B 32 -12.74 -14.92 -6.92
C LEU B 32 -12.68 -14.82 -5.40
N GLU B 33 -11.87 -13.88 -4.89
CA GLU B 33 -11.76 -13.73 -3.44
C GLU B 33 -13.13 -13.47 -2.84
N GLN B 34 -13.91 -12.58 -3.46
CA GLN B 34 -15.23 -12.26 -2.91
C GLN B 34 -16.09 -13.52 -2.93
N GLN B 35 -16.09 -14.23 -4.07
CA GLN B 35 -16.86 -15.46 -4.17
C GLN B 35 -16.45 -16.47 -3.10
N GLN B 36 -15.17 -16.70 -2.91
CA GLN B 36 -14.74 -17.72 -1.95
CA GLN B 36 -14.80 -17.74 -1.97
C GLN B 36 -15.10 -17.31 -0.53
N PHE B 37 -14.93 -16.04 -0.21
CA PHE B 37 -15.34 -15.61 1.13
C PHE B 37 -16.86 -15.73 1.31
N ASP B 38 -17.63 -15.41 0.27
CA ASP B 38 -19.09 -15.56 0.39
C ASP B 38 -19.48 -17.02 0.64
N GLU B 39 -18.88 -17.97 -0.07
CA GLU B 39 -19.18 -19.38 0.18
C GLU B 39 -18.86 -19.74 1.62
N PHE B 40 -17.73 -19.27 2.11
CA PHE B 40 -17.34 -19.54 3.48
C PHE B 40 -18.37 -18.99 4.46
N CYS B 41 -18.85 -17.75 4.23
CA CYS B 41 -19.89 -17.21 5.11
C CYS B 41 -21.19 -17.97 5.00
N LYS B 42 -21.61 -18.33 3.78
CA LYS B 42 -22.84 -19.08 3.66
C LYS B 42 -22.76 -20.37 4.46
N GLN B 43 -21.59 -21.00 4.49
CA GLN B 43 -21.46 -22.30 5.11
C GLN B 43 -21.73 -22.26 6.59
N GLN B 45 -23.57 -19.89 8.32
CA GLN B 45 -24.74 -19.14 8.78
C GLN B 45 -25.51 -19.91 9.86
N PRO B 46 -25.77 -19.29 11.02
CA PRO B 46 -26.40 -20.03 12.12
C PRO B 46 -27.85 -20.34 11.82
N PRO B 47 -28.39 -21.44 12.37
CA PRO B 47 -29.79 -21.77 12.12
C PRO B 47 -30.77 -21.01 12.98
N GLY B 48 -30.30 -20.41 14.08
CA GLY B 48 -31.20 -19.69 14.95
C GLY B 48 -32.27 -20.60 15.52
N GLU B 49 -33.40 -19.99 15.85
CA GLU B 49 -34.48 -20.71 16.53
C GLU B 49 -35.83 -20.27 16.00
#